data_6EDH
#
_entry.id   6EDH
#
_cell.length_a   118.410
_cell.length_b   54.199
_cell.length_c   87.385
_cell.angle_alpha   90.000
_cell.angle_beta   90.000
_cell.angle_gamma   90.000
#
_symmetry.space_group_name_H-M   'P 21 21 2'
#
loop_
_entity.id
_entity.type
_entity.pdbx_description
1 polymer 'Alpha-ketoglutarate-dependent taurine dioxygenase'
2 non-polymer 'ACETATE ION'
3 non-polymer oxovanadium(2+)
4 non-polymer 'SUCCINIC ACID'
5 non-polymer '2-AMINOETHANESULFONIC ACID'
6 non-polymer 'PENTAETHYLENE GLYCOL'
7 non-polymer DI(HYDROXYETHYL)ETHER
8 non-polymer 'TETRAETHYLENE GLYCOL'
9 water water
#
_entity_poly.entity_id   1
_entity_poly.type   'polypeptide(L)'
_entity_poly.pdbx_seq_one_letter_code
;MSERLSITPLGPYIGAQISGADLTRPLSDNQFEQLYHAVLRHQVVFLRDQAITPQQQRALAQRFGELHIHPVYPHAEGVD
EIIVLDTHNDNPPDNDNWHTDVTFIETPPAGAILAAKELPSTGGDTLWTSGIAAYEALSVPFRQLLSGLRAEHDFRKSFP
EYKYRKTEEEHQRWREAVAKNPPLLHPVVRTHPVSGKQALFVNEGFTTRIVDVSEKESEALLSFLFAHITKPEFQVRWRW
QPNDIAIWDNRVTQHYANADYLPQRRIMHRATILGDKPFYRAG
;
_entity_poly.pdbx_strand_id   A,B
#
loop_
_chem_comp.id
_chem_comp.type
_chem_comp.name
_chem_comp.formula
1PE non-polymer 'PENTAETHYLENE GLYCOL' 'C10 H22 O6'
ACT non-polymer 'ACETATE ION' 'C2 H3 O2 -1'
PEG non-polymer DI(HYDROXYETHYL)ETHER 'C4 H10 O3'
PG4 non-polymer 'TETRAETHYLENE GLYCOL' 'C8 H18 O5'
SIN non-polymer 'SUCCINIC ACID' 'C4 H6 O4'
TAU non-polymer '2-AMINOETHANESULFONIC ACID' 'C2 H7 N O3 S'
VVO non-polymer oxovanadium(2+) 'O V 2'
#
# COMPACT_ATOMS: atom_id res chain seq x y z
N GLU A 3 25.60 5.89 27.08
CA GLU A 3 25.30 4.87 28.07
C GLU A 3 25.11 3.51 27.41
N ARG A 4 25.79 2.49 27.94
CA ARG A 4 25.64 1.13 27.45
C ARG A 4 24.32 0.56 27.92
N LEU A 5 23.58 -0.07 27.02
CA LEU A 5 22.33 -0.70 27.37
C LEU A 5 22.57 -2.03 28.07
N SER A 6 21.70 -2.35 29.03
CA SER A 6 21.68 -3.65 29.66
C SER A 6 20.75 -4.55 28.85
N ILE A 7 21.30 -5.61 28.27
CA ILE A 7 20.55 -6.51 27.40
C ILE A 7 20.65 -7.92 27.98
N THR A 8 19.51 -8.47 28.38
CA THR A 8 19.44 -9.81 28.94
C THR A 8 18.71 -10.73 27.97
N PRO A 9 19.39 -11.66 27.31
CA PRO A 9 18.68 -12.63 26.46
C PRO A 9 17.71 -13.45 27.29
N LEU A 10 16.55 -13.77 26.69
CA LEU A 10 15.54 -14.59 27.34
C LEU A 10 15.60 -16.05 26.89
N GLY A 11 16.51 -16.37 25.98
CA GLY A 11 16.74 -17.72 25.52
C GLY A 11 17.87 -17.71 24.50
N PRO A 12 18.31 -18.89 24.07
CA PRO A 12 19.45 -18.94 23.14
C PRO A 12 19.12 -18.54 21.72
N TYR A 13 17.85 -18.51 21.32
CA TYR A 13 17.49 -18.27 19.93
C TYR A 13 16.68 -17.01 19.70
N ILE A 14 15.86 -16.57 20.66
CA ILE A 14 14.97 -15.44 20.42
C ILE A 14 14.63 -14.77 21.74
N GLY A 15 14.58 -13.45 21.72
CA GLY A 15 14.06 -12.67 22.83
C GLY A 15 15.11 -12.07 23.74
N ALA A 16 14.90 -10.82 24.14
CA ALA A 16 15.78 -10.16 25.10
C ALA A 16 15.00 -9.07 25.81
N GLN A 17 15.37 -8.83 27.07
CA GLN A 17 14.84 -7.73 27.85
C GLN A 17 15.91 -6.67 27.99
N ILE A 18 15.54 -5.41 27.79
CA ILE A 18 16.49 -4.31 27.72
C ILE A 18 16.12 -3.25 28.75
N SER A 19 17.13 -2.69 29.40
CA SER A 19 16.95 -1.54 30.27
C SER A 19 18.09 -0.55 30.01
N GLY A 20 17.94 0.64 30.58
CA GLY A 20 18.94 1.68 30.44
C GLY A 20 18.72 2.63 29.29
N ALA A 21 17.56 2.57 28.63
CA ALA A 21 17.21 3.49 27.56
C ALA A 21 15.86 4.12 27.89
N ASP A 22 15.82 5.44 27.96
CA ASP A 22 14.58 6.17 28.17
C ASP A 22 13.92 6.40 26.81
N LEU A 23 12.81 5.72 26.56
CA LEU A 23 12.17 5.77 25.26
C LEU A 23 11.24 6.96 25.10
N THR A 24 10.95 7.69 26.17
CA THR A 24 10.15 8.91 26.04
C THR A 24 10.99 10.04 25.47
N ARG A 25 12.25 10.12 25.84
CA ARG A 25 13.16 11.15 25.37
C ARG A 25 14.05 10.63 24.26
N PRO A 26 14.68 11.51 23.49
CA PRO A 26 15.51 11.05 22.38
C PRO A 26 16.66 10.17 22.86
N LEU A 27 17.01 9.19 22.02
CA LEU A 27 18.13 8.29 22.28
C LEU A 27 19.39 8.80 21.60
N SER A 28 20.52 8.60 22.25
CA SER A 28 21.79 8.88 21.60
C SER A 28 22.01 7.87 20.47
N ASP A 29 22.91 8.23 19.54
CA ASP A 29 23.19 7.34 18.43
C ASP A 29 23.77 6.02 18.91
N ASN A 30 24.69 6.06 19.88
CA ASN A 30 25.25 4.83 20.42
C ASN A 30 24.15 3.96 21.03
N GLN A 31 23.29 4.56 21.85
CA GLN A 31 22.17 3.81 22.42
C GLN A 31 21.34 3.18 21.31
N PHE A 32 20.96 3.96 20.30
CA PHE A 32 20.06 3.43 19.29
C PHE A 32 20.74 2.33 18.46
N GLU A 33 22.03 2.47 18.19
CA GLU A 33 22.77 1.41 17.51
C GLU A 33 22.68 0.11 18.30
N GLN A 34 22.81 0.20 19.62
CA GLN A 34 22.68 -0.98 20.47
C GLN A 34 21.27 -1.57 20.38
N LEU A 35 20.25 -0.71 20.51
CA LEU A 35 18.87 -1.17 20.45
C LEU A 35 18.58 -1.81 19.10
N TYR A 36 18.99 -1.15 18.02
CA TYR A 36 18.79 -1.68 16.68
C TYR A 36 19.40 -3.07 16.54
N HIS A 37 20.70 -3.19 16.86
CA HIS A 37 21.37 -4.47 16.69
C HIS A 37 20.80 -5.54 17.61
N ALA A 38 20.25 -5.14 18.76
CA ALA A 38 19.62 -6.11 19.65
C ALA A 38 18.32 -6.66 19.05
N VAL A 39 17.53 -5.80 18.40
CA VAL A 39 16.35 -6.28 17.69
C VAL A 39 16.76 -7.23 16.57
N LEU A 40 17.81 -6.85 15.83
CA LEU A 40 18.28 -7.68 14.74
C LEU A 40 18.71 -9.05 15.25
N ARG A 41 19.46 -9.07 16.34
CA ARG A 41 20.03 -10.31 16.87
C ARG A 41 18.96 -11.16 17.56
N HIS A 42 18.18 -10.55 18.45
CA HIS A 42 17.24 -11.28 19.29
C HIS A 42 15.82 -11.30 18.74
N GLN A 43 15.55 -10.54 17.66
CA GLN A 43 14.33 -10.60 16.87
C GLN A 43 13.12 -9.96 17.54
N VAL A 44 12.98 -10.09 18.85
CA VAL A 44 12.01 -9.31 19.61
C VAL A 44 12.66 -8.92 20.92
N VAL A 45 12.49 -7.66 21.31
CA VAL A 45 13.03 -7.18 22.57
C VAL A 45 11.94 -6.45 23.35
N PHE A 46 12.08 -6.48 24.68
CA PHE A 46 11.08 -5.95 25.57
C PHE A 46 11.73 -4.94 26.52
N LEU A 47 11.09 -3.78 26.67
CA LEU A 47 11.48 -2.77 27.63
C LEU A 47 10.28 -2.47 28.52
N ARG A 48 10.52 -2.30 29.81
CA ARG A 48 9.43 -2.14 30.75
C ARG A 48 9.44 -0.73 31.34
N ASP A 49 8.29 -0.36 31.91
CA ASP A 49 8.14 0.92 32.61
C ASP A 49 8.44 2.09 31.68
N GLN A 50 7.92 2.01 30.45
CA GLN A 50 8.15 3.03 29.43
C GLN A 50 6.80 3.71 29.16
N ALA A 51 6.55 4.78 29.91
CA ALA A 51 5.28 5.51 29.82
C ALA A 51 5.36 6.47 28.64
N ILE A 52 5.21 5.92 27.45
CA ILE A 52 5.45 6.65 26.21
C ILE A 52 4.14 7.24 25.72
N THR A 53 4.21 8.47 25.21
CA THR A 53 3.08 9.06 24.50
C THR A 53 3.08 8.57 23.04
N PRO A 54 1.93 8.61 22.39
CA PRO A 54 1.91 8.27 20.96
C PRO A 54 2.90 9.07 20.13
N GLN A 55 3.14 10.33 20.50
CA GLN A 55 4.12 11.14 19.77
C GLN A 55 5.52 10.59 19.97
N GLN A 56 5.87 10.24 21.22
CA GLN A 56 7.18 9.67 21.49
C GLN A 56 7.33 8.29 20.86
N GLN A 57 6.25 7.52 20.80
CA GLN A 57 6.31 6.20 20.17
C GLN A 57 6.50 6.32 18.67
N ARG A 58 5.85 7.31 18.05
CA ARG A 58 6.07 7.57 16.63
C ARG A 58 7.53 7.94 16.38
N ALA A 59 8.07 8.86 17.18
CA ALA A 59 9.46 9.27 17.00
C ALA A 59 10.41 8.10 17.16
N LEU A 60 10.19 7.27 18.19
CA LEU A 60 11.03 6.09 18.37
C LEU A 60 10.94 5.16 17.16
N ALA A 61 9.71 4.82 16.76
CA ALA A 61 9.54 3.91 15.62
C ALA A 61 10.14 4.48 14.35
N GLN A 62 10.13 5.80 14.17
CA GLN A 62 10.60 6.38 12.92
C GLN A 62 12.11 6.31 12.78
N ARG A 63 12.85 6.07 13.87
CA ARG A 63 14.29 5.83 13.74
C ARG A 63 14.58 4.47 13.13
N PHE A 64 13.63 3.54 13.17
CA PHE A 64 13.80 2.26 12.49
C PHE A 64 13.41 2.35 11.02
N GLY A 65 12.40 3.15 10.71
CA GLY A 65 11.92 3.29 9.36
C GLY A 65 10.62 4.07 9.35
N GLU A 66 10.09 4.27 8.15
CA GLU A 66 8.83 4.99 8.03
C GLU A 66 7.67 4.09 8.46
N LEU A 67 6.57 4.72 8.83
CA LEU A 67 5.48 4.05 9.52
C LEU A 67 4.22 3.97 8.66
N HIS A 68 3.49 2.88 8.88
CA HIS A 68 2.21 2.67 8.22
C HIS A 68 1.16 3.62 8.78
N ILE A 69 0.31 4.16 7.90
CA ILE A 69 -0.87 4.91 8.28
C ILE A 69 -2.08 4.19 7.72
N HIS A 70 -3.06 3.93 8.57
CA HIS A 70 -4.28 3.27 8.17
C HIS A 70 -5.44 4.26 8.20
N PRO A 71 -6.40 4.16 7.28
CA PRO A 71 -7.66 4.91 7.47
C PRO A 71 -8.71 4.08 8.19
N VAL A 72 -8.55 2.76 8.18
CA VAL A 72 -9.60 1.88 8.67
C VAL A 72 -9.57 1.75 10.20
N TYR A 73 -8.38 1.81 10.82
CA TYR A 73 -8.30 1.63 12.26
C TYR A 73 -8.36 2.97 12.98
N PRO A 74 -8.81 3.00 14.22
CA PRO A 74 -8.65 4.22 15.03
C PRO A 74 -7.19 4.47 15.34
N HIS A 75 -6.82 5.74 15.41
CA HIS A 75 -5.47 6.15 15.73
C HIS A 75 -5.49 7.02 16.99
N ALA A 76 -4.31 7.20 17.57
CA ALA A 76 -4.18 8.02 18.77
C ALA A 76 -4.55 9.46 18.46
N GLU A 77 -5.02 10.17 19.48
CA GLU A 77 -5.40 11.57 19.32
C GLU A 77 -4.24 12.39 18.79
N GLY A 78 -4.36 12.88 17.56
CA GLY A 78 -3.34 13.73 16.97
C GLY A 78 -2.15 13.02 16.37
N VAL A 79 -2.16 11.69 16.30
CA VAL A 79 -1.04 10.93 15.77
C VAL A 79 -1.55 9.80 14.91
N ASP A 80 -1.51 9.99 13.58
CA ASP A 80 -2.10 9.02 12.67
C ASP A 80 -1.28 7.73 12.60
N GLU A 81 0.03 7.80 12.86
CA GLU A 81 0.90 6.64 12.72
C GLU A 81 0.78 5.64 13.87
N ILE A 82 0.02 5.95 14.92
CA ILE A 82 -0.13 5.06 16.06
C ILE A 82 -1.55 4.50 16.05
N ILE A 83 -1.65 3.21 15.83
CA ILE A 83 -2.93 2.51 15.76
C ILE A 83 -3.35 2.10 17.16
N VAL A 84 -4.62 2.32 17.48
CA VAL A 84 -5.18 1.97 18.79
C VAL A 84 -5.94 0.66 18.64
N LEU A 85 -5.46 -0.38 19.33
CA LEU A 85 -6.07 -1.70 19.30
C LEU A 85 -6.83 -1.88 20.61
N ASP A 86 -8.13 -1.66 20.55
CA ASP A 86 -9.01 -1.59 21.72
C ASP A 86 -9.99 -2.76 21.63
N THR A 87 -9.70 -3.84 22.35
CA THR A 87 -10.48 -5.07 22.22
C THR A 87 -11.32 -5.32 23.46
N HIS A 88 -12.51 -5.91 23.22
CA HIS A 88 -13.52 -6.15 24.25
C HIS A 88 -14.65 -6.94 23.61
N ASN A 89 -15.79 -7.07 24.28
CA ASN A 89 -16.89 -7.87 23.75
C ASN A 89 -17.30 -7.38 22.36
N ASP A 90 -17.49 -6.07 22.20
CA ASP A 90 -17.93 -5.53 20.93
C ASP A 90 -16.84 -5.55 19.86
N ASN A 91 -15.60 -5.82 20.23
CA ASN A 91 -14.48 -5.86 19.28
C ASN A 91 -13.53 -6.99 19.72
N PRO A 92 -13.93 -8.24 19.51
CA PRO A 92 -13.14 -9.35 20.03
C PRO A 92 -11.78 -9.39 19.37
N PRO A 93 -10.78 -9.96 20.06
CA PRO A 93 -9.46 -10.12 19.43
C PRO A 93 -9.48 -11.18 18.34
N ASP A 94 -8.66 -10.94 17.31
CA ASP A 94 -8.55 -11.85 16.18
C ASP A 94 -7.11 -12.28 15.90
N ASN A 95 -6.20 -12.03 16.83
CA ASN A 95 -4.78 -12.32 16.63
C ASN A 95 -4.33 -13.60 17.30
N ASP A 96 -5.26 -14.41 17.82
CA ASP A 96 -4.92 -15.69 18.41
C ASP A 96 -4.77 -16.76 17.32
N ASN A 97 -3.76 -16.55 16.49
CA ASN A 97 -3.37 -17.49 15.45
C ASN A 97 -1.94 -17.14 15.07
N TRP A 98 -1.15 -18.15 14.71
CA TRP A 98 0.23 -17.91 14.37
C TRP A 98 0.30 -17.20 13.02
N HIS A 99 0.87 -16.00 13.01
CA HIS A 99 0.91 -15.21 11.79
C HIS A 99 2.12 -14.29 11.78
N THR A 100 2.48 -13.88 10.57
CA THR A 100 3.38 -12.76 10.31
C THR A 100 2.51 -11.64 9.77
N ASP A 101 2.72 -10.42 10.26
CA ASP A 101 1.76 -9.36 9.97
C ASP A 101 1.72 -9.04 8.49
N VAL A 102 0.50 -9.03 7.94
CA VAL A 102 0.21 -8.53 6.59
C VAL A 102 1.13 -9.11 5.54
N THR A 103 1.31 -10.44 5.51
CA THR A 103 2.15 -11.01 4.46
C THR A 103 1.42 -11.18 3.14
N PHE A 104 0.13 -10.82 3.08
CA PHE A 104 -0.61 -10.91 1.83
C PHE A 104 -0.40 -9.70 0.92
N ILE A 105 0.45 -8.74 1.31
CA ILE A 105 0.83 -7.64 0.43
C ILE A 105 2.25 -7.88 -0.07
N GLU A 106 2.61 -7.14 -1.12
N GLU A 106 2.63 -7.15 -1.12
CA GLU A 106 3.92 -7.31 -1.75
CA GLU A 106 3.94 -7.38 -1.72
C GLU A 106 5.04 -6.97 -0.78
C GLU A 106 5.07 -6.95 -0.79
N THR A 107 4.83 -5.98 0.08
CA THR A 107 5.86 -5.44 0.98
C THR A 107 5.35 -5.51 2.41
N PRO A 108 5.42 -6.67 3.05
CA PRO A 108 4.90 -6.78 4.42
C PRO A 108 5.73 -5.95 5.37
N PRO A 109 5.16 -5.51 6.49
CA PRO A 109 5.91 -4.67 7.43
C PRO A 109 7.22 -5.32 7.85
N ALA A 110 8.24 -4.48 8.02
CA ALA A 110 9.53 -4.95 8.53
C ALA A 110 9.49 -5.21 10.03
N GLY A 111 8.61 -4.52 10.76
CA GLY A 111 8.55 -4.70 12.19
C GLY A 111 7.48 -3.84 12.81
N ALA A 112 7.50 -3.78 14.13
CA ALA A 112 6.47 -3.05 14.87
C ALA A 112 6.99 -2.68 16.25
N ILE A 113 6.40 -1.62 16.80
CA ILE A 113 6.58 -1.24 18.19
C ILE A 113 5.20 -1.24 18.83
N LEU A 114 5.05 -2.03 19.89
CA LEU A 114 3.77 -2.23 20.55
C LEU A 114 3.90 -1.78 22.01
N ALA A 115 2.97 -0.93 22.44
CA ALA A 115 2.97 -0.38 23.79
C ALA A 115 1.68 -0.80 24.51
N ALA A 116 1.82 -1.33 25.72
CA ALA A 116 0.67 -1.75 26.51
C ALA A 116 0.14 -0.56 27.29
N LYS A 117 -1.12 -0.19 27.02
CA LYS A 117 -1.72 0.98 27.65
C LYS A 117 -2.70 0.59 28.76
N GLU A 118 -3.65 -0.31 28.47
CA GLU A 118 -4.59 -0.80 29.46
C GLU A 118 -4.70 -2.31 29.31
N LEU A 119 -4.62 -3.02 30.43
CA LEU A 119 -4.53 -4.47 30.39
C LEU A 119 -5.58 -5.13 31.28
N PRO A 120 -6.03 -6.33 30.91
CA PRO A 120 -6.90 -7.09 31.80
C PRO A 120 -6.13 -7.58 33.02
N SER A 121 -6.88 -8.03 34.03
CA SER A 121 -6.26 -8.45 35.28
C SER A 121 -5.26 -9.58 35.05
N THR A 122 -5.59 -10.49 34.14
CA THR A 122 -4.67 -11.54 33.73
C THR A 122 -4.98 -11.93 32.30
N GLY A 123 -4.06 -12.66 31.68
CA GLY A 123 -4.25 -13.09 30.31
C GLY A 123 -3.72 -12.10 29.29
N GLY A 124 -3.86 -12.47 28.03
CA GLY A 124 -3.40 -11.65 26.93
C GLY A 124 -1.92 -11.76 26.63
N ASP A 125 -1.25 -12.82 27.08
CA ASP A 125 0.14 -13.04 26.72
C ASP A 125 0.31 -13.00 25.21
N THR A 126 1.48 -12.57 24.77
CA THR A 126 1.86 -12.61 23.35
C THR A 126 3.12 -13.45 23.20
N LEU A 127 3.14 -14.29 22.17
CA LEU A 127 4.26 -15.18 21.90
C LEU A 127 4.86 -14.84 20.54
N TRP A 128 6.18 -15.03 20.43
CA TRP A 128 6.90 -14.90 19.18
C TRP A 128 7.66 -16.20 18.91
N THR A 129 7.73 -16.58 17.64
CA THR A 129 8.50 -17.76 17.23
C THR A 129 9.47 -17.35 16.13
N SER A 130 10.67 -17.93 16.18
CA SER A 130 11.76 -17.55 15.29
C SER A 130 11.74 -18.40 14.02
N GLY A 131 11.57 -17.73 12.88
CA GLY A 131 11.69 -18.43 11.60
C GLY A 131 13.12 -18.86 11.31
N ILE A 132 14.10 -18.16 11.88
CA ILE A 132 15.50 -18.54 11.70
C ILE A 132 15.79 -19.85 12.43
N ALA A 133 15.44 -19.91 13.72
CA ALA A 133 15.65 -21.13 14.49
C ALA A 133 14.88 -22.30 13.88
N ALA A 134 13.65 -22.04 13.41
CA ALA A 134 12.85 -23.12 12.83
C ALA A 134 13.48 -23.64 11.55
N TYR A 135 14.03 -22.74 10.72
CA TYR A 135 14.68 -23.18 9.48
C TYR A 135 15.90 -24.03 9.79
N GLU A 136 16.72 -23.56 10.74
CA GLU A 136 17.96 -24.24 11.08
C GLU A 136 17.72 -25.60 11.73
N ALA A 137 16.53 -25.82 12.29
CA ALA A 137 16.18 -27.09 12.92
C ALA A 137 15.66 -28.13 11.92
N LEU A 138 15.41 -27.75 10.67
CA LEU A 138 15.01 -28.71 9.66
C LEU A 138 16.19 -29.59 9.27
N SER A 139 15.90 -30.82 8.88
CA SER A 139 16.94 -31.68 8.33
C SER A 139 17.44 -31.12 7.00
N VAL A 140 18.63 -31.58 6.59
CA VAL A 140 19.19 -31.10 5.33
C VAL A 140 18.24 -31.32 4.15
N PRO A 141 17.64 -32.49 3.98
CA PRO A 141 16.72 -32.64 2.83
C PRO A 141 15.57 -31.64 2.86
N PHE A 142 15.08 -31.29 4.04
CA PHE A 142 13.99 -30.31 4.10
C PHE A 142 14.48 -28.89 3.83
N ARG A 143 15.67 -28.54 4.32
CA ARG A 143 16.23 -27.23 4.01
C ARG A 143 16.46 -27.07 2.51
N GLN A 144 17.00 -28.12 1.87
CA GLN A 144 17.21 -28.07 0.44
C GLN A 144 15.90 -28.04 -0.32
N LEU A 145 14.90 -28.78 0.17
CA LEU A 145 13.59 -28.80 -0.48
C LEU A 145 12.96 -27.42 -0.48
N LEU A 146 12.85 -26.80 0.70
CA LEU A 146 12.04 -25.60 0.85
C LEU A 146 12.73 -24.37 0.32
N SER A 147 14.06 -24.35 0.33
CA SER A 147 14.81 -23.21 -0.19
C SER A 147 14.56 -23.05 -1.68
N GLY A 148 14.08 -21.87 -2.08
CA GLY A 148 13.84 -21.58 -3.47
C GLY A 148 12.40 -21.77 -3.91
N LEU A 149 11.57 -22.40 -3.10
CA LEU A 149 10.15 -22.53 -3.41
C LEU A 149 9.42 -21.23 -3.10
N ARG A 150 8.24 -21.09 -3.71
CA ARG A 150 7.40 -19.93 -3.51
C ARG A 150 6.03 -20.38 -2.99
N ALA A 151 5.41 -19.54 -2.17
CA ALA A 151 4.10 -19.85 -1.60
C ALA A 151 3.17 -18.66 -1.75
N GLU A 152 1.89 -18.98 -1.87
CA GLU A 152 0.84 -17.98 -2.01
C GLU A 152 0.34 -17.53 -0.65
N HIS A 153 0.21 -16.22 -0.47
CA HIS A 153 -0.36 -15.62 0.73
C HIS A 153 -1.67 -14.91 0.36
N ASP A 154 -2.70 -15.12 1.17
CA ASP A 154 -4.06 -14.74 0.80
C ASP A 154 -4.76 -14.14 2.00
N PHE A 155 -5.14 -12.86 1.88
CA PHE A 155 -5.98 -12.15 2.83
C PHE A 155 -7.13 -13.02 3.35
N ARG A 156 -7.73 -13.81 2.46
CA ARG A 156 -8.95 -14.52 2.80
C ARG A 156 -8.73 -15.68 3.77
N LYS A 157 -7.50 -16.14 3.97
N LYS A 157 -7.49 -16.14 3.95
CA LYS A 157 -7.30 -17.24 4.90
CA LYS A 157 -7.25 -17.25 4.89
C LYS A 157 -7.59 -16.82 6.33
C LYS A 157 -7.58 -16.83 6.31
N SER A 158 -7.21 -15.60 6.69
CA SER A 158 -7.51 -15.08 8.02
C SER A 158 -8.83 -14.33 8.08
N PHE A 159 -9.35 -13.88 6.94
CA PHE A 159 -10.62 -13.17 6.88
C PHE A 159 -11.51 -13.86 5.86
N PRO A 160 -12.01 -15.06 6.21
CA PRO A 160 -12.80 -15.84 5.25
C PRO A 160 -14.20 -15.27 5.07
N GLU A 161 -14.74 -15.52 3.89
CA GLU A 161 -16.01 -14.92 3.50
C GLU A 161 -17.13 -15.25 4.48
N TYR A 162 -17.11 -16.47 5.04
CA TYR A 162 -18.26 -16.91 5.85
C TYR A 162 -18.39 -16.11 7.14
N LYS A 163 -17.34 -15.41 7.58
CA LYS A 163 -17.44 -14.55 8.74
C LYS A 163 -17.97 -13.15 8.41
N TYR A 164 -18.22 -12.85 7.14
CA TYR A 164 -18.64 -11.52 6.72
C TYR A 164 -19.97 -11.54 5.97
N ARG A 165 -20.83 -12.49 6.31
CA ARG A 165 -22.14 -12.61 5.69
C ARG A 165 -23.24 -11.92 6.47
N LYS A 166 -22.95 -11.41 7.67
CA LYS A 166 -24.01 -10.97 8.58
C LYS A 166 -24.91 -9.92 7.93
N THR A 167 -24.33 -8.99 7.18
CA THR A 167 -25.10 -7.96 6.50
C THR A 167 -24.57 -7.82 5.07
N GLU A 168 -25.43 -7.32 4.19
CA GLU A 168 -25.03 -7.15 2.80
C GLU A 168 -23.93 -6.10 2.65
N GLU A 169 -24.00 -5.03 3.45
CA GLU A 169 -22.94 -4.02 3.42
C GLU A 169 -21.61 -4.62 3.87
N GLU A 170 -21.64 -5.37 4.97
CA GLU A 170 -20.43 -6.03 5.47
C GLU A 170 -19.86 -6.98 4.42
N HIS A 171 -20.74 -7.73 3.75
CA HIS A 171 -20.27 -8.65 2.72
C HIS A 171 -19.61 -7.89 1.57
N GLN A 172 -20.18 -6.76 1.18
CA GLN A 172 -19.61 -6.00 0.06
C GLN A 172 -18.28 -5.36 0.45
N ARG A 173 -18.17 -4.91 1.70
CA ARG A 173 -16.89 -4.36 2.17
C ARG A 173 -15.80 -5.42 2.11
N TRP A 174 -16.14 -6.66 2.47
CA TRP A 174 -15.19 -7.75 2.33
C TRP A 174 -14.81 -7.95 0.87
N ARG A 175 -15.79 -7.97 -0.03
CA ARG A 175 -15.50 -8.14 -1.45
C ARG A 175 -14.55 -7.06 -1.95
N GLU A 176 -14.73 -5.82 -1.49
CA GLU A 176 -13.85 -4.74 -1.95
C GLU A 176 -12.43 -4.93 -1.43
N ALA A 177 -12.29 -5.35 -0.16
CA ALA A 177 -10.96 -5.62 0.38
C ALA A 177 -10.28 -6.74 -0.39
N VAL A 178 -11.02 -7.80 -0.72
CA VAL A 178 -10.44 -8.89 -1.50
C VAL A 178 -9.98 -8.39 -2.85
N ALA A 179 -10.79 -7.56 -3.51
CA ALA A 179 -10.44 -7.07 -4.83
C ALA A 179 -9.16 -6.25 -4.79
N LYS A 180 -8.96 -5.48 -3.71
CA LYS A 180 -7.74 -4.70 -3.56
C LYS A 180 -6.53 -5.56 -3.21
N ASN A 181 -6.74 -6.78 -2.72
CA ASN A 181 -5.68 -7.57 -2.11
C ASN A 181 -5.72 -8.99 -2.64
N PRO A 182 -5.41 -9.19 -3.92
CA PRO A 182 -5.39 -10.54 -4.48
C PRO A 182 -4.24 -11.34 -3.92
N PRO A 183 -4.30 -12.65 -4.02
CA PRO A 183 -3.21 -13.43 -3.48
C PRO A 183 -1.95 -13.24 -4.28
N LEU A 184 -0.82 -13.37 -3.64
CA LEU A 184 0.46 -13.21 -4.30
C LEU A 184 1.50 -14.11 -3.68
N LEU A 185 2.67 -14.14 -4.28
CA LEU A 185 3.72 -15.01 -3.82
C LEU A 185 4.86 -14.40 -3.03
N HIS A 186 5.39 -15.18 -2.11
CA HIS A 186 6.60 -14.83 -1.39
C HIS A 186 7.49 -16.06 -1.31
N PRO A 187 8.80 -15.87 -1.09
CA PRO A 187 9.68 -17.03 -0.91
C PRO A 187 9.30 -17.82 0.34
N VAL A 188 9.44 -19.14 0.24
CA VAL A 188 9.20 -20.00 1.41
C VAL A 188 10.32 -19.82 2.44
N VAL A 189 11.55 -19.66 1.97
CA VAL A 189 12.69 -19.35 2.82
C VAL A 189 13.12 -17.94 2.47
N ARG A 190 13.05 -17.03 3.44
CA ARG A 190 13.36 -15.63 3.23
C ARG A 190 14.75 -15.32 3.76
N THR A 191 15.52 -14.57 2.97
CA THR A 191 16.83 -14.10 3.40
C THR A 191 16.67 -12.73 4.04
N HIS A 192 17.13 -12.58 5.29
CA HIS A 192 17.02 -11.30 5.96
C HIS A 192 17.86 -10.26 5.23
N PRO A 193 17.30 -9.09 4.89
CA PRO A 193 18.02 -8.14 4.03
C PRO A 193 19.20 -7.45 4.71
N VAL A 194 19.30 -7.48 6.03
CA VAL A 194 20.42 -6.90 6.76
C VAL A 194 21.40 -7.97 7.23
N SER A 195 20.90 -8.99 7.92
CA SER A 195 21.77 -9.99 8.52
C SER A 195 22.16 -11.11 7.57
N GLY A 196 21.38 -11.36 6.53
CA GLY A 196 21.64 -12.46 5.63
C GLY A 196 21.21 -13.82 6.16
N LYS A 197 20.63 -13.89 7.35
CA LYS A 197 20.14 -15.15 7.88
C LYS A 197 18.93 -15.65 7.09
N GLN A 198 18.84 -16.96 6.96
CA GLN A 198 17.71 -17.60 6.29
C GLN A 198 16.63 -17.93 7.31
N ALA A 199 15.37 -17.66 6.95
CA ALA A 199 14.25 -17.90 7.85
C ALA A 199 13.10 -18.52 7.09
N LEU A 200 12.39 -19.45 7.73
CA LEU A 200 11.12 -19.89 7.18
C LEU A 200 10.18 -18.69 7.12
N PHE A 201 9.49 -18.56 5.99
CA PHE A 201 8.62 -17.42 5.75
C PHE A 201 7.27 -17.88 5.22
N VAL A 202 6.69 -18.86 5.90
CA VAL A 202 5.27 -19.21 5.74
C VAL A 202 4.63 -19.02 7.09
N ASN A 203 3.32 -18.72 7.10
CA ASN A 203 2.62 -18.61 8.36
C ASN A 203 1.18 -19.08 8.18
N GLU A 204 0.66 -19.72 9.22
CA GLU A 204 -0.70 -20.26 9.15
C GLU A 204 -1.74 -19.18 8.93
N GLY A 205 -1.43 -17.95 9.32
CA GLY A 205 -2.39 -16.87 9.15
C GLY A 205 -2.76 -16.62 7.70
N PHE A 206 -1.77 -16.65 6.79
CA PHE A 206 -2.00 -16.20 5.42
C PHE A 206 -1.52 -17.14 4.32
N THR A 207 -0.68 -18.14 4.62
CA THR A 207 -0.11 -18.98 3.57
C THR A 207 -1.06 -20.11 3.22
N THR A 208 -1.48 -20.16 1.96
CA THR A 208 -2.47 -21.13 1.51
C THR A 208 -1.87 -22.29 0.74
N ARG A 209 -0.80 -22.08 -0.01
CA ARG A 209 -0.33 -23.09 -0.97
C ARG A 209 1.12 -22.80 -1.34
N ILE A 210 1.95 -23.84 -1.32
CA ILE A 210 3.28 -23.79 -1.93
C ILE A 210 3.07 -24.14 -3.39
N VAL A 211 3.30 -23.16 -4.28
CA VAL A 211 2.86 -23.30 -5.66
C VAL A 211 3.81 -24.12 -6.52
N ASP A 212 5.02 -24.39 -6.04
CA ASP A 212 6.01 -25.13 -6.81
C ASP A 212 5.99 -26.62 -6.53
N VAL A 213 5.02 -27.08 -5.75
CA VAL A 213 4.76 -28.50 -5.55
C VAL A 213 3.27 -28.72 -5.81
N SER A 214 2.87 -29.99 -5.83
CA SER A 214 1.47 -30.29 -6.08
C SER A 214 0.60 -29.84 -4.90
N GLU A 215 -0.71 -29.83 -5.12
CA GLU A 215 -1.63 -29.40 -4.07
C GLU A 215 -1.53 -30.32 -2.85
N LYS A 216 -1.49 -31.63 -3.07
CA LYS A 216 -1.41 -32.57 -1.95
C LYS A 216 -0.05 -32.52 -1.28
N GLU A 217 1.02 -32.35 -2.07
CA GLU A 217 2.35 -32.14 -1.49
C GLU A 217 2.37 -30.88 -0.65
N SER A 218 1.72 -29.82 -1.12
CA SER A 218 1.69 -28.57 -0.38
C SER A 218 0.97 -28.72 0.95
N GLU A 219 -0.20 -29.37 0.93
CA GLU A 219 -0.93 -29.61 2.16
C GLU A 219 -0.07 -30.35 3.17
N ALA A 220 0.66 -31.38 2.71
CA ALA A 220 1.51 -32.13 3.62
C ALA A 220 2.62 -31.26 4.19
N LEU A 221 3.27 -30.46 3.34
CA LEU A 221 4.40 -29.66 3.81
C LEU A 221 3.94 -28.55 4.74
N LEU A 222 2.86 -27.85 4.38
CA LEU A 222 2.40 -26.75 5.22
C LEU A 222 1.84 -27.26 6.54
N SER A 223 1.17 -28.41 6.53
CA SER A 223 0.71 -28.99 7.79
C SER A 223 1.88 -29.28 8.71
N PHE A 224 2.97 -29.82 8.16
CA PHE A 224 4.17 -30.06 8.95
C PHE A 224 4.76 -28.73 9.44
N LEU A 225 4.87 -27.75 8.55
CA LEU A 225 5.55 -26.50 8.92
C LEU A 225 4.76 -25.70 9.93
N PHE A 226 3.43 -25.67 9.79
CA PHE A 226 2.62 -24.94 10.76
C PHE A 226 2.73 -25.55 12.15
N ALA A 227 2.94 -26.87 12.23
CA ALA A 227 3.22 -27.49 13.52
C ALA A 227 4.67 -27.24 13.96
N HIS A 228 5.60 -27.32 13.01
CA HIS A 228 7.03 -27.19 13.33
C HIS A 228 7.32 -25.88 14.05
N ILE A 229 6.70 -24.78 13.61
CA ILE A 229 7.00 -23.47 14.21
C ILE A 229 6.42 -23.34 15.62
N THR A 230 5.55 -24.25 16.04
CA THR A 230 5.03 -24.22 17.40
C THR A 230 5.93 -24.93 18.39
N LYS A 231 7.10 -25.41 17.95
CA LYS A 231 8.03 -26.02 18.88
C LYS A 231 8.43 -25.01 19.94
N PRO A 232 8.30 -25.33 21.23
CA PRO A 232 8.62 -24.32 22.26
C PRO A 232 10.04 -23.77 22.19
N GLU A 233 11.02 -24.56 21.73
CA GLU A 233 12.39 -24.06 21.68
C GLU A 233 12.54 -22.87 20.75
N PHE A 234 11.63 -22.67 19.81
CA PHE A 234 11.74 -21.56 18.86
C PHE A 234 11.11 -20.27 19.36
N GLN A 235 10.60 -20.24 20.58
CA GLN A 235 9.68 -19.17 20.99
C GLN A 235 10.17 -18.42 22.22
N VAL A 236 9.55 -17.26 22.42
CA VAL A 236 9.57 -16.53 23.68
C VAL A 236 8.14 -16.09 23.96
N ARG A 237 7.77 -16.06 25.24
CA ARG A 237 6.43 -15.72 25.67
C ARG A 237 6.49 -14.56 26.64
N TRP A 238 5.69 -13.53 26.39
CA TRP A 238 5.71 -12.32 27.19
C TRP A 238 4.40 -12.16 27.95
N ARG A 239 4.49 -11.96 29.26
CA ARG A 239 3.34 -11.60 30.07
C ARG A 239 3.39 -10.09 30.32
N TRP A 240 2.38 -9.38 29.83
CA TRP A 240 2.42 -7.93 29.77
C TRP A 240 2.18 -7.27 31.12
N GLN A 241 2.84 -6.15 31.33
CA GLN A 241 2.48 -5.16 32.34
C GLN A 241 2.26 -3.82 31.66
N PRO A 242 1.48 -2.93 32.26
CA PRO A 242 1.26 -1.61 31.64
C PRO A 242 2.59 -0.91 31.38
N ASN A 243 2.65 -0.23 30.23
CA ASN A 243 3.82 0.54 29.81
C ASN A 243 4.99 -0.33 29.39
N ASP A 244 4.78 -1.63 29.22
CA ASP A 244 5.72 -2.46 28.49
C ASP A 244 5.79 -1.99 27.03
N ILE A 245 6.96 -2.15 26.43
CA ILE A 245 7.16 -1.93 24.99
C ILE A 245 7.77 -3.19 24.40
N ALA A 246 7.23 -3.65 23.28
CA ALA A 246 7.81 -4.73 22.50
C ALA A 246 8.17 -4.21 21.11
N ILE A 247 9.40 -4.47 20.69
CA ILE A 247 9.89 -4.13 19.35
C ILE A 247 10.32 -5.43 18.69
N TRP A 248 9.77 -5.74 17.51
CA TRP A 248 10.14 -6.99 16.87
C TRP A 248 10.33 -6.83 15.37
N ASP A 249 11.10 -7.78 14.84
CA ASP A 249 11.41 -7.91 13.42
C ASP A 249 10.38 -8.83 12.80
N ASN A 250 9.48 -8.27 11.98
CA ASN A 250 8.41 -9.01 11.34
C ASN A 250 8.86 -9.74 10.08
N ARG A 251 10.14 -9.65 9.74
CA ARG A 251 10.65 -10.31 8.54
C ARG A 251 10.97 -11.78 8.79
N VAL A 252 11.21 -12.16 10.05
CA VAL A 252 11.75 -13.48 10.36
C VAL A 252 11.08 -14.08 11.59
N THR A 253 9.94 -13.53 12.01
CA THR A 253 9.19 -14.08 13.14
C THR A 253 7.71 -14.23 12.77
N GLN A 254 7.04 -15.05 13.56
CA GLN A 254 5.59 -15.01 13.69
C GLN A 254 5.25 -14.71 15.13
N HIS A 255 4.00 -14.33 15.37
CA HIS A 255 3.55 -14.10 16.74
C HIS A 255 2.11 -14.55 16.88
N TYR A 256 1.66 -14.57 18.13
CA TYR A 256 0.38 -15.13 18.52
C TYR A 256 -0.07 -14.40 19.77
N ALA A 257 -1.26 -13.81 19.73
CA ALA A 257 -1.79 -13.02 20.85
C ALA A 257 -2.94 -13.77 21.49
N ASN A 258 -2.76 -14.17 22.76
CA ASN A 258 -3.76 -14.98 23.44
C ASN A 258 -5.08 -14.23 23.55
N ALA A 259 -6.17 -14.94 23.28
CA ALA A 259 -7.52 -14.43 23.42
C ALA A 259 -8.18 -15.15 24.58
N ASP A 260 -7.79 -14.77 25.79
CA ASP A 260 -8.21 -15.45 27.01
C ASP A 260 -8.63 -14.47 28.09
N TYR A 261 -9.08 -13.27 27.71
CA TYR A 261 -9.39 -12.23 28.70
C TYR A 261 -10.75 -11.58 28.54
N LEU A 262 -11.49 -11.82 27.47
CA LEU A 262 -12.83 -11.26 27.38
C LEU A 262 -13.69 -11.79 28.54
N PRO A 263 -14.62 -10.98 29.06
CA PRO A 263 -15.05 -9.66 28.56
C PRO A 263 -14.18 -8.47 28.96
N GLN A 264 -13.04 -8.69 29.62
CA GLN A 264 -12.21 -7.58 30.05
C GLN A 264 -11.64 -6.83 28.84
N ARG A 265 -11.20 -5.60 29.09
CA ARG A 265 -10.74 -4.69 28.04
C ARG A 265 -9.22 -4.66 27.99
N ARG A 266 -8.70 -4.44 26.79
CA ARG A 266 -7.26 -4.41 26.53
C ARG A 266 -6.99 -3.37 25.47
N ILE A 267 -6.08 -2.43 25.75
CA ILE A 267 -5.75 -1.35 24.82
C ILE A 267 -4.24 -1.34 24.60
N MET A 268 -3.84 -1.55 23.35
CA MET A 268 -2.44 -1.44 22.94
C MET A 268 -2.32 -0.33 21.91
N HIS A 269 -1.14 0.29 21.86
CA HIS A 269 -0.79 1.26 20.84
C HIS A 269 0.31 0.68 19.96
N ARG A 270 0.10 0.69 18.65
CA ARG A 270 1.05 0.06 17.75
C ARG A 270 1.55 1.03 16.69
N ALA A 271 2.84 0.94 16.42
CA ALA A 271 3.50 1.61 15.30
C ALA A 271 4.04 0.52 14.39
N THR A 272 3.65 0.55 13.13
CA THR A 272 4.03 -0.47 12.16
C THR A 272 5.11 0.09 11.25
N ILE A 273 6.27 -0.56 11.21
CA ILE A 273 7.40 -0.10 10.41
C ILE A 273 7.30 -0.74 9.03
N LEU A 274 7.25 0.11 8.00
CA LEU A 274 7.08 -0.38 6.64
C LEU A 274 8.28 -1.21 6.21
N GLY A 275 8.02 -2.22 5.38
CA GLY A 275 9.05 -3.11 4.89
C GLY A 275 9.16 -3.10 3.38
N ASP A 276 10.10 -3.90 2.87
CA ASP A 276 10.35 -4.03 1.45
C ASP A 276 9.91 -5.41 0.96
N LYS A 277 10.23 -5.73 -0.28
CA LYS A 277 9.79 -6.97 -0.89
C LYS A 277 10.63 -8.14 -0.37
N PRO A 278 10.01 -9.18 0.20
CA PRO A 278 10.80 -10.35 0.62
C PRO A 278 11.48 -11.03 -0.57
N PHE A 279 12.71 -11.48 -0.34
CA PHE A 279 13.46 -12.19 -1.38
C PHE A 279 14.23 -13.34 -0.76
N TYR A 280 14.68 -14.25 -1.62
CA TYR A 280 15.53 -15.37 -1.24
C TYR A 280 16.86 -15.23 -1.98
N ARG A 281 17.95 -15.28 -1.24
CA ARG A 281 19.28 -15.28 -1.83
C ARG A 281 19.92 -16.57 -1.36
N ALA A 282 20.20 -17.48 -2.26
CA ALA A 282 20.80 -18.74 -1.89
C ALA A 282 22.11 -18.64 -1.12
N GLY A 283 22.35 -19.59 -0.25
N GLY A 283 22.39 -19.58 -0.23
CA GLY A 283 23.57 -19.60 0.47
CA GLY A 283 23.59 -19.54 0.56
C GLY A 283 24.69 -20.17 -0.41
C GLY A 283 24.84 -20.11 -0.13
N GLU B 3 -7.42 25.49 11.11
CA GLU B 3 -7.39 26.56 10.12
C GLU B 3 -8.26 26.21 8.92
N ARG B 4 -9.01 27.19 8.42
CA ARG B 4 -9.84 27.00 7.24
C ARG B 4 -8.97 27.10 5.99
N LEU B 5 -9.16 26.17 5.06
CA LEU B 5 -8.38 26.17 3.83
C LEU B 5 -8.85 27.29 2.91
N SER B 6 -7.89 27.88 2.19
CA SER B 6 -8.19 28.84 1.14
C SER B 6 -8.24 28.09 -0.18
N ILE B 7 -9.38 28.17 -0.87
CA ILE B 7 -9.64 27.37 -2.06
C ILE B 7 -10.09 28.30 -3.18
N THR B 8 -9.30 28.36 -4.25
CA THR B 8 -9.61 29.21 -5.40
C THR B 8 -9.89 28.34 -6.62
N PRO B 9 -11.13 28.25 -7.08
CA PRO B 9 -11.40 27.48 -8.31
C PRO B 9 -10.67 28.07 -9.50
N LEU B 10 -10.22 27.18 -10.39
CA LEU B 10 -9.53 27.56 -11.62
C LEU B 10 -10.43 27.49 -12.83
N GLY B 11 -11.66 26.98 -12.68
CA GLY B 11 -12.64 26.94 -13.73
C GLY B 11 -13.98 26.50 -13.17
N PRO B 12 -15.02 26.53 -14.00
CA PRO B 12 -16.35 26.13 -13.50
C PRO B 12 -16.52 24.64 -13.32
N TYR B 13 -15.73 23.80 -13.99
CA TYR B 13 -15.93 22.36 -13.98
C TYR B 13 -14.83 21.57 -13.29
N ILE B 14 -13.58 22.05 -13.34
CA ILE B 14 -12.47 21.26 -12.82
C ILE B 14 -11.33 22.18 -12.42
N GLY B 15 -10.71 21.86 -11.28
CA GLY B 15 -9.47 22.51 -10.89
C GLY B 15 -9.63 23.56 -9.81
N ALA B 16 -8.75 23.51 -8.81
CA ALA B 16 -8.71 24.52 -7.78
C ALA B 16 -7.29 24.61 -7.24
N GLN B 17 -6.92 25.81 -6.79
CA GLN B 17 -5.65 26.03 -6.10
C GLN B 17 -5.94 26.21 -4.61
N ILE B 18 -5.12 25.60 -3.77
CA ILE B 18 -5.37 25.55 -2.33
C ILE B 18 -4.15 26.07 -1.58
N SER B 19 -4.41 26.84 -0.53
CA SER B 19 -3.38 27.26 0.40
C SER B 19 -3.92 27.14 1.82
N GLY B 20 -3.01 27.19 2.78
CA GLY B 20 -3.36 27.04 4.18
C GLY B 20 -3.11 25.68 4.76
N ALA B 21 -2.42 24.79 4.05
CA ALA B 21 -2.11 23.45 4.53
C ALA B 21 -0.65 23.15 4.25
N ASP B 22 0.08 22.78 5.29
CA ASP B 22 1.47 22.32 5.16
C ASP B 22 1.43 20.80 5.01
N LEU B 23 1.67 20.33 3.79
CA LEU B 23 1.61 18.90 3.51
C LEU B 23 2.87 18.15 3.92
N THR B 24 3.95 18.86 4.24
CA THR B 24 5.18 18.22 4.67
C THR B 24 5.11 17.79 6.14
N ARG B 25 4.15 18.29 6.90
CA ARG B 25 3.94 17.94 8.28
C ARG B 25 2.52 17.41 8.48
N PRO B 26 2.25 16.72 9.57
CA PRO B 26 0.92 16.13 9.77
C PRO B 26 -0.19 17.18 9.71
N LEU B 27 -1.28 16.83 9.03
CA LEU B 27 -2.47 17.65 8.98
C LEU B 27 -3.46 17.21 10.05
N SER B 28 -4.20 18.17 10.59
CA SER B 28 -5.30 17.83 11.48
C SER B 28 -6.36 17.06 10.70
N ASP B 29 -7.09 16.19 11.42
CA ASP B 29 -8.24 15.54 10.81
C ASP B 29 -9.17 16.56 10.15
N ASN B 30 -9.27 17.76 10.74
CA ASN B 30 -10.14 18.78 10.19
C ASN B 30 -9.61 19.30 8.85
N GLN B 31 -8.32 19.62 8.79
CA GLN B 31 -7.71 20.02 7.53
C GLN B 31 -7.84 18.91 6.50
N PHE B 32 -7.62 17.65 6.91
CA PHE B 32 -7.68 16.55 5.96
C PHE B 32 -9.06 16.41 5.35
N GLU B 33 -10.11 16.50 6.18
CA GLU B 33 -11.47 16.46 5.66
C GLU B 33 -11.68 17.55 4.61
N GLN B 34 -11.18 18.77 4.89
CA GLN B 34 -11.31 19.86 3.93
C GLN B 34 -10.59 19.53 2.63
N LEU B 35 -9.37 19.02 2.73
CA LEU B 35 -8.63 18.65 1.52
C LEU B 35 -9.37 17.57 0.75
N TYR B 36 -9.82 16.53 1.45
CA TYR B 36 -10.51 15.42 0.80
C TYR B 36 -11.74 15.90 0.04
N HIS B 37 -12.55 16.75 0.66
CA HIS B 37 -13.78 17.19 0.00
C HIS B 37 -13.48 18.16 -1.14
N ALA B 38 -12.38 18.93 -1.04
CA ALA B 38 -11.98 19.78 -2.16
C ALA B 38 -11.57 18.94 -3.37
N VAL B 39 -10.89 17.82 -3.14
CA VAL B 39 -10.52 16.94 -4.24
C VAL B 39 -11.75 16.38 -4.91
N LEU B 40 -12.73 15.95 -4.11
CA LEU B 40 -13.98 15.43 -4.67
C LEU B 40 -14.73 16.52 -5.43
N ARG B 41 -14.79 17.73 -4.87
CA ARG B 41 -15.59 18.78 -5.51
C ARG B 41 -14.92 19.31 -6.77
N HIS B 42 -13.60 19.49 -6.75
CA HIS B 42 -12.90 20.13 -7.85
C HIS B 42 -12.13 19.15 -8.73
N GLN B 43 -12.09 17.87 -8.35
CA GLN B 43 -11.52 16.78 -9.15
C GLN B 43 -10.01 16.79 -9.22
N VAL B 44 -9.38 17.95 -9.33
CA VAL B 44 -7.93 18.08 -9.15
C VAL B 44 -7.65 19.39 -8.43
N VAL B 45 -6.73 19.33 -7.47
CA VAL B 45 -6.35 20.51 -6.70
C VAL B 45 -4.83 20.63 -6.69
N PHE B 46 -4.36 21.86 -6.54
CA PHE B 46 -2.94 22.19 -6.64
C PHE B 46 -2.53 22.99 -5.42
N LEU B 47 -1.41 22.60 -4.82
CA LEU B 47 -0.84 23.29 -3.68
C LEU B 47 0.62 23.58 -3.98
N ARG B 48 1.02 24.84 -3.79
CA ARG B 48 2.36 25.27 -4.17
C ARG B 48 3.26 25.40 -2.94
N ASP B 49 4.56 25.40 -3.20
CA ASP B 49 5.56 25.66 -2.18
C ASP B 49 5.55 24.59 -1.09
N GLN B 50 5.42 23.33 -1.50
CA GLN B 50 5.32 22.20 -0.58
C GLN B 50 6.55 21.32 -0.77
N ALA B 51 7.57 21.57 0.05
CA ALA B 51 8.87 20.90 -0.08
C ALA B 51 8.82 19.54 0.61
N ILE B 52 8.14 18.61 -0.03
CA ILE B 52 7.82 17.31 0.56
C ILE B 52 8.91 16.31 0.22
N THR B 53 9.14 15.35 1.13
CA THR B 53 9.97 14.20 0.83
C THR B 53 9.12 13.05 0.31
N PRO B 54 9.73 12.07 -0.37
CA PRO B 54 8.95 10.88 -0.76
C PRO B 54 8.31 10.20 0.43
N GLN B 55 9.03 10.13 1.55
CA GLN B 55 8.48 9.53 2.76
C GLN B 55 7.24 10.30 3.23
N GLN B 56 7.30 11.62 3.20
CA GLN B 56 6.15 12.42 3.60
C GLN B 56 5.02 12.31 2.59
N GLN B 57 5.36 12.19 1.31
CA GLN B 57 4.33 12.06 0.28
C GLN B 57 3.59 10.74 0.43
N ARG B 58 4.31 9.65 0.72
CA ARG B 58 3.66 8.37 0.96
C ARG B 58 2.76 8.45 2.19
N ALA B 59 3.21 9.12 3.25
CA ALA B 59 2.41 9.21 4.47
C ALA B 59 1.09 9.92 4.20
N LEU B 60 1.14 11.03 3.46
CA LEU B 60 -0.09 11.74 3.11
C LEU B 60 -1.00 10.86 2.27
N ALA B 61 -0.44 10.15 1.30
CA ALA B 61 -1.25 9.30 0.43
C ALA B 61 -1.91 8.17 1.23
N GLN B 62 -1.21 7.64 2.23
CA GLN B 62 -1.78 6.59 3.07
C GLN B 62 -3.04 7.03 3.78
N ARG B 63 -3.17 8.32 4.09
CA ARG B 63 -4.39 8.79 4.75
C ARG B 63 -5.61 8.64 3.85
N PHE B 64 -5.42 8.57 2.53
CA PHE B 64 -6.54 8.38 1.62
C PHE B 64 -6.93 6.92 1.44
N GLY B 65 -6.02 5.99 1.66
CA GLY B 65 -6.33 4.59 1.45
C GLY B 65 -5.08 3.77 1.18
N GLU B 66 -5.31 2.53 0.75
CA GLU B 66 -4.23 1.58 0.48
C GLU B 66 -3.52 1.93 -0.82
N LEU B 67 -2.20 1.80 -0.82
CA LEU B 67 -1.39 2.27 -1.94
C LEU B 67 -1.04 1.15 -2.91
N HIS B 68 -0.85 1.55 -4.17
CA HIS B 68 -0.49 0.66 -5.26
C HIS B 68 1.01 0.76 -5.54
N ILE B 69 1.63 -0.38 -5.83
CA ILE B 69 3.02 -0.44 -6.28
C ILE B 69 3.02 -0.76 -7.76
N HIS B 70 3.62 0.11 -8.56
CA HIS B 70 3.56 -0.03 -10.01
C HIS B 70 4.45 -1.19 -10.46
N PRO B 71 3.99 -2.01 -11.42
CA PRO B 71 4.77 -3.20 -11.81
C PRO B 71 5.97 -2.93 -12.71
N VAL B 72 6.10 -1.73 -13.28
CA VAL B 72 7.13 -1.46 -14.28
C VAL B 72 7.95 -0.23 -13.93
N TYR B 73 7.29 0.84 -13.49
CA TYR B 73 7.97 2.10 -13.26
C TYR B 73 8.94 1.97 -12.07
N PRO B 74 10.08 2.67 -12.13
CA PRO B 74 10.99 2.65 -10.98
C PRO B 74 10.42 3.45 -9.82
N HIS B 75 10.81 3.05 -8.62
CA HIS B 75 10.37 3.70 -7.40
C HIS B 75 11.54 4.40 -6.72
N ALA B 76 11.21 5.23 -5.74
CA ALA B 76 12.22 5.99 -5.02
C ALA B 76 13.00 5.08 -4.07
N GLU B 77 14.26 5.43 -3.84
CA GLU B 77 15.12 4.64 -2.96
C GLU B 77 14.49 4.50 -1.58
N GLY B 78 14.25 3.25 -1.18
CA GLY B 78 13.68 2.97 0.12
C GLY B 78 12.22 3.34 0.29
N VAL B 79 11.54 3.73 -0.79
CA VAL B 79 10.13 4.06 -0.73
C VAL B 79 9.43 3.41 -1.92
N ASP B 80 8.99 2.17 -1.74
CA ASP B 80 8.49 1.38 -2.87
C ASP B 80 7.23 1.95 -3.47
N GLU B 81 6.42 2.66 -2.69
CA GLU B 81 5.13 3.14 -3.16
C GLU B 81 5.22 4.44 -3.95
N ILE B 82 6.39 5.07 -4.03
CA ILE B 82 6.55 6.33 -4.74
C ILE B 82 7.24 6.04 -6.07
N ILE B 83 6.49 6.23 -7.16
CA ILE B 83 7.05 6.19 -8.50
C ILE B 83 7.95 7.40 -8.72
N VAL B 84 9.10 7.16 -9.36
CA VAL B 84 9.96 8.24 -9.84
C VAL B 84 9.79 8.31 -11.35
N LEU B 85 9.28 9.44 -11.84
CA LEU B 85 9.21 9.71 -13.27
C LEU B 85 10.36 10.67 -13.59
N ASP B 86 11.49 10.10 -13.98
CA ASP B 86 12.74 10.83 -14.18
C ASP B 86 13.07 10.74 -15.66
N THR B 87 12.74 11.80 -16.40
CA THR B 87 12.79 11.77 -17.85
C THR B 87 13.85 12.71 -18.39
N HIS B 88 14.38 12.34 -19.55
CA HIS B 88 15.54 12.97 -20.17
C HIS B 88 15.87 12.17 -21.42
N ASN B 89 16.96 12.52 -22.10
CA ASN B 89 17.30 11.83 -23.36
C ASN B 89 17.35 10.32 -23.17
N ASP B 90 17.89 9.85 -22.05
CA ASP B 90 18.05 8.43 -21.80
C ASP B 90 16.78 7.77 -21.23
N ASN B 91 15.72 8.55 -21.02
CA ASN B 91 14.44 8.00 -20.61
C ASN B 91 13.35 8.98 -21.05
N PRO B 92 12.99 8.98 -22.34
CA PRO B 92 12.12 10.03 -22.84
C PRO B 92 10.73 9.93 -22.21
N PRO B 93 10.00 11.04 -22.14
CA PRO B 93 8.69 11.03 -21.47
C PRO B 93 7.71 10.04 -22.10
N ASP B 94 6.82 9.52 -21.25
CA ASP B 94 5.98 8.37 -21.57
C ASP B 94 4.50 8.62 -21.31
N ASN B 95 4.12 9.86 -20.98
CA ASN B 95 2.77 10.13 -20.52
C ASN B 95 2.11 11.27 -21.29
N ASP B 96 2.60 11.55 -22.50
CA ASP B 96 1.95 12.48 -23.41
C ASP B 96 0.84 11.76 -24.19
N ASN B 97 -0.10 11.21 -23.43
CA ASN B 97 -1.30 10.62 -23.97
C ASN B 97 -2.37 10.73 -22.89
N TRP B 98 -3.63 10.82 -23.33
CA TRP B 98 -4.72 10.97 -22.37
C TRP B 98 -5.00 9.63 -21.68
N HIS B 99 -4.81 9.59 -20.37
CA HIS B 99 -4.98 8.33 -19.65
C HIS B 99 -5.50 8.60 -18.25
N THR B 100 -6.10 7.56 -17.70
CA THR B 100 -6.41 7.46 -16.28
C THR B 100 -5.45 6.45 -15.70
N ASP B 101 -4.82 6.78 -14.58
CA ASP B 101 -3.74 5.95 -14.07
C ASP B 101 -4.25 4.56 -13.71
N VAL B 102 -3.56 3.54 -14.22
CA VAL B 102 -3.69 2.16 -13.77
C VAL B 102 -5.15 1.70 -13.78
N THR B 103 -5.84 1.88 -14.90
CA THR B 103 -7.15 1.28 -15.06
C THR B 103 -7.07 -0.18 -15.51
N PHE B 104 -5.86 -0.73 -15.64
CA PHE B 104 -5.68 -2.13 -16.02
C PHE B 104 -5.77 -3.09 -14.84
N ILE B 105 -6.16 -2.64 -13.66
CA ILE B 105 -6.38 -3.51 -12.52
C ILE B 105 -7.86 -3.47 -12.14
N GLU B 106 -8.25 -4.41 -11.29
CA GLU B 106 -9.66 -4.56 -10.92
C GLU B 106 -10.15 -3.37 -10.09
N THR B 107 -9.26 -2.75 -9.34
CA THR B 107 -9.60 -1.64 -8.44
C THR B 107 -8.72 -0.44 -8.79
N PRO B 108 -9.01 0.24 -9.90
CA PRO B 108 -8.11 1.31 -10.34
C PRO B 108 -7.99 2.37 -9.25
N PRO B 109 -6.83 3.05 -9.19
CA PRO B 109 -6.64 4.05 -8.13
C PRO B 109 -7.75 5.08 -8.10
N ALA B 110 -8.22 5.38 -6.89
CA ALA B 110 -9.20 6.44 -6.71
C ALA B 110 -8.54 7.81 -6.70
N GLY B 111 -7.26 7.87 -6.35
CA GLY B 111 -6.57 9.14 -6.25
C GLY B 111 -5.09 8.98 -6.49
N ALA B 112 -4.43 10.11 -6.74
CA ALA B 112 -2.98 10.14 -6.87
C ALA B 112 -2.47 11.48 -6.40
N ILE B 113 -1.19 11.50 -6.02
CA ILE B 113 -0.51 12.69 -5.55
C ILE B 113 0.79 12.80 -6.32
N LEU B 114 1.00 13.93 -6.99
CA LEU B 114 2.16 14.16 -7.82
C LEU B 114 2.94 15.35 -7.27
N ALA B 115 4.25 15.20 -7.15
CA ALA B 115 5.12 16.25 -6.63
C ALA B 115 6.22 16.55 -7.64
N ALA B 116 6.42 17.84 -7.91
CA ALA B 116 7.43 18.29 -8.87
C ALA B 116 8.75 18.45 -8.13
N LYS B 117 9.74 17.64 -8.50
CA LYS B 117 11.02 17.62 -7.78
C LYS B 117 12.09 18.40 -8.52
N GLU B 118 12.24 18.18 -9.82
CA GLU B 118 13.18 18.92 -10.65
C GLU B 118 12.51 19.19 -11.98
N LEU B 119 12.59 20.44 -12.44
CA LEU B 119 11.85 20.84 -13.62
C LEU B 119 12.76 21.45 -14.67
N PRO B 120 12.43 21.28 -15.95
CA PRO B 120 13.14 22.02 -17.00
C PRO B 120 12.82 23.50 -16.93
N SER B 121 13.62 24.29 -17.65
CA SER B 121 13.44 25.74 -17.61
C SER B 121 12.05 26.14 -18.08
N THR B 122 11.47 25.38 -19.00
CA THR B 122 10.12 25.62 -19.47
C THR B 122 9.60 24.32 -20.07
N GLY B 123 8.28 24.23 -20.20
CA GLY B 123 7.67 23.03 -20.75
C GLY B 123 7.32 22.01 -19.69
N GLY B 124 6.67 20.94 -20.13
CA GLY B 124 6.26 19.88 -19.23
C GLY B 124 4.94 20.09 -18.54
N ASP B 125 4.10 21.00 -19.03
CA ASP B 125 2.79 21.18 -18.42
C ASP B 125 2.03 19.87 -18.36
N THR B 126 1.16 19.74 -17.36
CA THR B 126 0.25 18.61 -17.27
C THR B 126 -1.19 19.12 -17.27
N LEU B 127 -2.05 18.41 -17.98
CA LEU B 127 -3.45 18.76 -18.16
C LEU B 127 -4.34 17.67 -17.56
N TRP B 128 -5.47 18.08 -16.98
CA TRP B 128 -6.51 17.16 -16.52
C TRP B 128 -7.80 17.45 -17.25
N THR B 129 -8.58 16.41 -17.53
CA THR B 129 -9.89 16.54 -18.16
C THR B 129 -10.92 15.80 -17.31
N SER B 130 -12.11 16.38 -17.20
CA SER B 130 -13.15 15.87 -16.32
C SER B 130 -14.07 14.90 -17.07
N GLY B 131 -14.12 13.65 -16.60
CA GLY B 131 -15.08 12.70 -17.11
C GLY B 131 -16.52 13.03 -16.77
N ILE B 132 -16.73 13.81 -15.71
CA ILE B 132 -18.09 14.22 -15.34
C ILE B 132 -18.60 15.26 -16.32
N ALA B 133 -17.79 16.30 -16.55
CA ALA B 133 -18.16 17.32 -17.54
C ALA B 133 -18.33 16.69 -18.92
N ALA B 134 -17.46 15.76 -19.29
CA ALA B 134 -17.56 15.14 -20.61
C ALA B 134 -18.85 14.34 -20.74
N TYR B 135 -19.27 13.66 -19.68
CA TYR B 135 -20.53 12.91 -19.73
C TYR B 135 -21.71 13.86 -19.87
N GLU B 136 -21.71 14.94 -19.08
CA GLU B 136 -22.81 15.88 -19.12
C GLU B 136 -22.90 16.60 -20.45
N ALA B 137 -21.80 16.71 -21.20
CA ALA B 137 -21.83 17.33 -22.52
C ALA B 137 -22.35 16.38 -23.61
N LEU B 138 -22.56 15.12 -23.30
CA LEU B 138 -23.15 14.18 -24.25
C LEU B 138 -24.64 14.43 -24.37
N SER B 139 -25.17 14.26 -25.59
CA SER B 139 -26.61 14.29 -25.78
C SER B 139 -27.25 13.13 -25.02
N VAL B 140 -28.54 13.28 -24.70
CA VAL B 140 -29.25 12.21 -24.00
C VAL B 140 -29.19 10.91 -24.77
N PRO B 141 -29.38 10.90 -26.09
CA PRO B 141 -29.27 9.60 -26.74
C PRO B 141 -27.88 8.97 -26.58
N PHE B 142 -26.83 9.77 -26.55
CA PHE B 142 -25.48 9.24 -26.37
C PHE B 142 -25.23 8.82 -24.92
N ARG B 143 -25.86 9.48 -23.98
CA ARG B 143 -25.74 9.06 -22.60
C ARG B 143 -26.39 7.71 -22.42
N GLN B 144 -27.57 7.54 -23.00
CA GLN B 144 -28.28 6.27 -22.91
C GLN B 144 -27.54 5.15 -23.65
N LEU B 145 -26.91 5.49 -24.78
CA LEU B 145 -26.12 4.50 -25.50
C LEU B 145 -24.99 3.94 -24.65
N LEU B 146 -24.19 4.82 -24.06
CA LEU B 146 -22.96 4.40 -23.40
C LEU B 146 -23.21 3.82 -22.01
N SER B 147 -24.29 4.23 -21.37
CA SER B 147 -24.57 3.77 -20.01
C SER B 147 -24.89 2.28 -20.04
N GLY B 148 -24.15 1.50 -19.25
CA GLY B 148 -24.31 0.07 -19.21
C GLY B 148 -23.37 -0.71 -20.11
N LEU B 149 -22.73 -0.05 -21.07
CA LEU B 149 -21.73 -0.72 -21.88
C LEU B 149 -20.46 -0.96 -21.08
N ARG B 150 -19.68 -1.94 -21.52
CA ARG B 150 -18.41 -2.27 -20.89
C ARG B 150 -17.29 -2.22 -21.92
N ALA B 151 -16.09 -1.86 -21.46
CA ALA B 151 -14.93 -1.75 -22.32
C ALA B 151 -13.74 -2.46 -21.70
N GLU B 152 -12.89 -3.02 -22.55
CA GLU B 152 -11.70 -3.72 -22.12
C GLU B 152 -10.55 -2.75 -21.92
N HIS B 153 -9.83 -2.93 -20.82
CA HIS B 153 -8.60 -2.19 -20.52
C HIS B 153 -7.44 -3.16 -20.50
N ASP B 154 -6.32 -2.76 -21.11
CA ASP B 154 -5.18 -3.64 -21.30
C ASP B 154 -3.90 -2.88 -20.96
N PHE B 155 -3.22 -3.32 -19.92
CA PHE B 155 -1.88 -2.84 -19.57
C PHE B 155 -0.98 -2.65 -20.78
N ARG B 156 -0.99 -3.61 -21.71
CA ARG B 156 -0.08 -3.58 -22.84
C ARG B 156 -0.35 -2.45 -23.84
N LYS B 157 -1.51 -1.79 -23.76
CA LYS B 157 -1.76 -0.72 -24.72
C LYS B 157 -0.79 0.43 -24.51
N SER B 158 -0.49 0.76 -23.26
CA SER B 158 0.51 1.78 -22.94
C SER B 158 1.88 1.20 -22.62
N PHE B 159 1.98 -0.11 -22.40
CA PHE B 159 3.27 -0.78 -22.15
C PHE B 159 3.42 -1.92 -23.15
N PRO B 160 3.58 -1.61 -24.44
CA PRO B 160 3.69 -2.65 -25.45
C PRO B 160 5.05 -3.35 -25.40
N GLU B 161 5.04 -4.62 -25.82
CA GLU B 161 6.23 -5.45 -25.65
C GLU B 161 7.45 -4.83 -26.34
N TYR B 162 7.26 -4.22 -27.51
CA TYR B 162 8.40 -3.76 -28.28
C TYR B 162 9.14 -2.62 -27.59
N LYS B 163 8.54 -1.97 -26.60
CA LYS B 163 9.22 -0.95 -25.82
C LYS B 163 10.04 -1.54 -24.68
N TYR B 164 9.97 -2.85 -24.47
CA TYR B 164 10.58 -3.50 -23.31
C TYR B 164 11.42 -4.70 -23.73
N ARG B 165 12.15 -4.54 -24.83
CA ARG B 165 13.04 -5.58 -25.33
C ARG B 165 14.50 -5.13 -25.39
N LYS B 166 14.86 -4.03 -24.71
CA LYS B 166 16.24 -3.57 -24.74
C LYS B 166 17.15 -4.51 -23.97
N THR B 167 16.67 -5.07 -22.86
CA THR B 167 17.45 -5.98 -22.04
C THR B 167 16.55 -7.12 -21.56
N GLU B 168 17.20 -8.18 -21.08
CA GLU B 168 16.45 -9.31 -20.54
C GLU B 168 15.74 -8.95 -19.24
N GLU B 169 16.40 -8.14 -18.41
CA GLU B 169 15.78 -7.71 -17.15
C GLU B 169 14.45 -7.02 -17.40
N GLU B 170 14.43 -6.04 -18.32
CA GLU B 170 13.21 -5.28 -18.53
C GLU B 170 12.16 -6.09 -19.27
N HIS B 171 12.56 -6.99 -20.17
N HIS B 171 12.58 -6.99 -20.16
CA HIS B 171 11.59 -7.84 -20.83
CA HIS B 171 11.63 -7.86 -20.84
C HIS B 171 10.96 -8.82 -19.85
C HIS B 171 10.98 -8.83 -19.86
N GLN B 172 11.76 -9.36 -18.92
CA GLN B 172 11.21 -10.25 -17.92
C GLN B 172 10.30 -9.51 -16.95
N ARG B 173 10.68 -8.28 -16.58
CA ARG B 173 9.79 -7.49 -15.73
C ARG B 173 8.48 -7.19 -16.45
N TRP B 174 8.55 -6.93 -17.75
CA TRP B 174 7.34 -6.75 -18.55
C TRP B 174 6.50 -8.02 -18.54
N ARG B 175 7.14 -9.18 -18.75
CA ARG B 175 6.40 -10.43 -18.77
C ARG B 175 5.66 -10.68 -17.46
N GLU B 176 6.29 -10.36 -16.33
CA GLU B 176 5.64 -10.58 -15.04
C GLU B 176 4.49 -9.61 -14.85
N ALA B 177 4.65 -8.36 -15.30
CA ALA B 177 3.55 -7.40 -15.21
C ALA B 177 2.35 -7.85 -16.02
N VAL B 178 2.57 -8.37 -17.23
CA VAL B 178 1.46 -8.85 -18.05
C VAL B 178 0.74 -10.00 -17.36
N ALA B 179 1.50 -10.92 -16.77
CA ALA B 179 0.89 -12.08 -16.13
C ALA B 179 0.02 -11.67 -14.96
N LYS B 180 0.43 -10.64 -14.22
CA LYS B 180 -0.32 -10.18 -13.07
C LYS B 180 -1.45 -9.23 -13.44
N ASN B 181 -1.47 -8.70 -14.67
CA ASN B 181 -2.41 -7.66 -15.07
C ASN B 181 -3.05 -8.01 -16.41
N PRO B 182 -3.84 -9.07 -16.46
CA PRO B 182 -4.50 -9.45 -17.71
C PRO B 182 -5.57 -8.43 -18.08
N PRO B 183 -6.00 -8.41 -19.34
CA PRO B 183 -7.06 -7.47 -19.74
C PRO B 183 -8.35 -7.76 -18.99
N LEU B 184 -9.12 -6.70 -18.71
CA LEU B 184 -10.35 -6.82 -17.95
C LEU B 184 -11.32 -5.73 -18.39
N LEU B 185 -12.57 -5.87 -17.95
CA LEU B 185 -13.63 -4.93 -18.31
C LEU B 185 -13.89 -3.94 -17.18
N HIS B 186 -14.24 -2.72 -17.57
CA HIS B 186 -14.77 -1.70 -16.69
C HIS B 186 -15.97 -1.05 -17.38
N PRO B 187 -16.89 -0.47 -16.60
CA PRO B 187 -18.03 0.22 -17.22
C PRO B 187 -17.57 1.42 -18.04
N VAL B 188 -18.29 1.69 -19.12
CA VAL B 188 -17.97 2.84 -19.97
C VAL B 188 -18.45 4.13 -19.30
N VAL B 189 -19.56 4.07 -18.58
CA VAL B 189 -20.03 5.16 -17.73
C VAL B 189 -19.93 4.67 -16.30
N ARG B 190 -19.17 5.40 -15.49
CA ARG B 190 -18.92 5.01 -14.11
C ARG B 190 -19.67 5.94 -13.18
N THR B 191 -20.28 5.35 -12.14
CA THR B 191 -20.98 6.11 -11.12
C THR B 191 -20.01 6.39 -9.97
N HIS B 192 -19.82 7.67 -9.65
CA HIS B 192 -18.92 8.02 -8.56
C HIS B 192 -19.47 7.48 -7.25
N PRO B 193 -18.69 6.72 -6.48
CA PRO B 193 -19.26 6.06 -5.28
C PRO B 193 -19.59 7.01 -4.15
N VAL B 194 -19.08 8.24 -4.16
CA VAL B 194 -19.37 9.22 -3.12
C VAL B 194 -20.45 10.21 -3.56
N SER B 195 -20.26 10.85 -4.72
CA SER B 195 -21.17 11.89 -5.17
C SER B 195 -22.36 11.37 -5.95
N GLY B 196 -22.29 10.15 -6.48
CA GLY B 196 -23.34 9.64 -7.34
C GLY B 196 -23.33 10.18 -8.76
N LYS B 197 -22.42 11.11 -9.06
CA LYS B 197 -22.33 11.66 -10.41
C LYS B 197 -21.88 10.59 -11.41
N GLN B 198 -22.38 10.69 -12.64
CA GLN B 198 -21.94 9.80 -13.71
C GLN B 198 -20.79 10.44 -14.47
N ALA B 199 -19.85 9.59 -14.90
CA ALA B 199 -18.65 10.04 -15.59
C ALA B 199 -18.28 9.05 -16.68
N LEU B 200 -17.75 9.58 -17.78
CA LEU B 200 -17.14 8.72 -18.77
C LEU B 200 -15.91 8.06 -18.17
N PHE B 201 -15.75 6.76 -18.43
CA PHE B 201 -14.66 6.00 -17.85
C PHE B 201 -14.01 5.11 -18.89
N VAL B 202 -13.67 5.69 -20.05
CA VAL B 202 -12.70 5.11 -20.96
C VAL B 202 -11.54 6.08 -21.05
N ASN B 203 -10.39 5.57 -21.50
CA ASN B 203 -9.24 6.44 -21.69
C ASN B 203 -8.34 5.82 -22.74
N GLU B 204 -7.74 6.67 -23.56
CA GLU B 204 -6.95 6.19 -24.69
C GLU B 204 -5.71 5.44 -24.24
N GLY B 205 -5.23 5.69 -23.03
CA GLY B 205 -4.05 5.01 -22.54
C GLY B 205 -4.22 3.50 -22.47
N PHE B 206 -5.39 3.04 -22.03
CA PHE B 206 -5.58 1.62 -21.74
C PHE B 206 -6.82 0.98 -22.38
N THR B 207 -7.80 1.75 -22.87
CA THR B 207 -9.04 1.17 -23.35
C THR B 207 -8.86 0.74 -24.81
N THR B 208 -9.10 -0.54 -25.06
CA THR B 208 -8.86 -1.14 -26.38
C THR B 208 -10.13 -1.32 -27.19
N ARG B 209 -11.25 -1.68 -26.56
CA ARG B 209 -12.46 -1.94 -27.33
C ARG B 209 -13.66 -1.99 -26.41
N ILE B 210 -14.81 -1.59 -26.93
CA ILE B 210 -16.09 -1.72 -26.25
C ILE B 210 -16.70 -3.05 -26.68
N VAL B 211 -16.93 -3.95 -25.72
CA VAL B 211 -17.24 -5.33 -26.06
C VAL B 211 -18.72 -5.57 -26.33
N ASP B 212 -19.58 -4.61 -26.04
CA ASP B 212 -21.02 -4.81 -26.19
C ASP B 212 -21.53 -4.27 -27.52
N VAL B 213 -20.64 -3.91 -28.44
CA VAL B 213 -20.97 -3.49 -29.78
C VAL B 213 -20.01 -4.18 -30.75
N SER B 214 -20.25 -4.02 -32.05
CA SER B 214 -19.39 -4.64 -33.04
C SER B 214 -18.02 -3.97 -33.03
N GLU B 215 -17.06 -4.64 -33.68
CA GLU B 215 -15.70 -4.09 -33.74
C GLU B 215 -15.69 -2.72 -34.42
N LYS B 216 -16.38 -2.60 -35.56
CA LYS B 216 -16.41 -1.32 -36.26
C LYS B 216 -17.20 -0.28 -35.47
N GLU B 217 -18.26 -0.70 -34.79
CA GLU B 217 -18.98 0.22 -33.91
C GLU B 217 -18.09 0.67 -32.76
N SER B 218 -17.30 -0.25 -32.21
CA SER B 218 -16.40 0.11 -31.12
C SER B 218 -15.37 1.12 -31.57
N GLU B 219 -14.78 0.92 -32.74
CA GLU B 219 -13.81 1.87 -33.27
C GLU B 219 -14.41 3.26 -33.43
N ALA B 220 -15.64 3.32 -33.95
CA ALA B 220 -16.30 4.61 -34.14
C ALA B 220 -16.54 5.30 -32.81
N LEU B 221 -17.04 4.55 -31.82
CA LEU B 221 -17.37 5.16 -30.53
C LEU B 221 -16.12 5.58 -29.78
N LEU B 222 -15.09 4.74 -29.77
CA LEU B 222 -13.86 5.10 -29.05
C LEU B 222 -13.14 6.24 -29.74
N SER B 223 -13.12 6.25 -31.08
N SER B 223 -13.12 6.26 -31.07
CA SER B 223 -12.55 7.39 -31.79
CA SER B 223 -12.54 7.39 -31.77
C SER B 223 -13.25 8.68 -31.37
C SER B 223 -13.25 8.68 -31.37
N PHE B 224 -14.58 8.66 -31.29
CA PHE B 224 -15.32 9.83 -30.84
C PHE B 224 -14.97 10.18 -29.40
N LEU B 225 -14.96 9.18 -28.52
CA LEU B 225 -14.78 9.46 -27.10
C LEU B 225 -13.37 9.95 -26.79
N PHE B 226 -12.37 9.34 -27.42
CA PHE B 226 -10.99 9.79 -27.25
C PHE B 226 -10.80 11.23 -27.72
N ALA B 227 -11.57 11.68 -28.71
CA ALA B 227 -11.51 13.07 -29.14
C ALA B 227 -12.36 13.96 -28.25
N HIS B 228 -13.51 13.45 -27.80
CA HIS B 228 -14.46 14.24 -27.03
C HIS B 228 -13.81 14.81 -25.77
N ILE B 229 -13.03 13.98 -25.07
CA ILE B 229 -12.45 14.41 -23.81
C ILE B 229 -11.35 15.46 -23.97
N THR B 230 -10.93 15.76 -25.20
CA THR B 230 -9.92 16.79 -25.41
C THR B 230 -10.53 18.18 -25.58
N LYS B 231 -11.85 18.32 -25.41
CA LYS B 231 -12.47 19.63 -25.51
C LYS B 231 -11.91 20.55 -24.42
N PRO B 232 -11.45 21.76 -24.76
CA PRO B 232 -10.82 22.60 -23.73
C PRO B 232 -11.70 22.92 -22.53
N GLU B 233 -13.02 23.02 -22.72
CA GLU B 233 -13.88 23.34 -21.60
C GLU B 233 -13.88 22.27 -20.51
N PHE B 234 -13.44 21.06 -20.82
CA PHE B 234 -13.44 19.98 -19.84
C PHE B 234 -12.16 19.97 -19.00
N GLN B 235 -11.23 20.91 -19.23
CA GLN B 235 -9.86 20.74 -18.78
C GLN B 235 -9.37 21.87 -17.88
N VAL B 236 -8.29 21.56 -17.17
CA VAL B 236 -7.43 22.55 -16.54
C VAL B 236 -6.00 22.19 -16.92
N ARG B 237 -5.17 23.21 -17.14
CA ARG B 237 -3.79 23.04 -17.55
C ARG B 237 -2.89 23.67 -16.50
N TRP B 238 -1.91 22.92 -16.02
CA TRP B 238 -1.06 23.36 -14.93
C TRP B 238 0.37 23.56 -15.42
N ARG B 239 0.92 24.74 -15.12
N ARG B 239 0.92 24.74 -15.14
CA ARG B 239 2.30 25.07 -15.41
CA ARG B 239 2.31 25.04 -15.44
C ARG B 239 3.10 24.90 -14.13
C ARG B 239 3.10 24.89 -14.14
N TRP B 240 4.00 23.91 -14.11
CA TRP B 240 4.64 23.50 -12.88
C TRP B 240 5.69 24.50 -12.40
N GLN B 241 5.78 24.63 -11.07
CA GLN B 241 6.93 25.18 -10.37
C GLN B 241 7.46 24.14 -9.40
N PRO B 242 8.74 24.16 -9.08
CA PRO B 242 9.28 23.17 -8.14
C PRO B 242 8.49 23.19 -6.84
N ASN B 243 8.26 22.01 -6.28
CA ASN B 243 7.58 21.82 -5.01
C ASN B 243 6.07 22.03 -5.11
N ASP B 244 5.52 22.12 -6.32
CA ASP B 244 4.09 21.99 -6.50
C ASP B 244 3.64 20.59 -6.14
N ILE B 245 2.38 20.48 -5.70
CA ILE B 245 1.73 19.19 -5.49
C ILE B 245 0.37 19.23 -6.17
N ALA B 246 0.05 18.16 -6.90
CA ALA B 246 -1.28 17.96 -7.48
C ALA B 246 -1.89 16.71 -6.86
N ILE B 247 -3.14 16.82 -6.43
CA ILE B 247 -3.91 15.69 -5.91
C ILE B 247 -5.20 15.63 -6.72
N TRP B 248 -5.48 14.46 -7.30
CA TRP B 248 -6.67 14.35 -8.13
C TRP B 248 -7.46 13.08 -7.86
N ASP B 249 -8.75 13.19 -8.18
CA ASP B 249 -9.71 12.09 -8.16
C ASP B 249 -9.53 11.32 -9.47
N ASN B 250 -8.84 10.17 -9.38
CA ASN B 250 -8.54 9.36 -10.54
C ASN B 250 -9.71 8.47 -10.96
N ARG B 251 -10.85 8.56 -10.26
CA ARG B 251 -12.03 7.82 -10.66
C ARG B 251 -12.72 8.43 -11.87
N VAL B 252 -12.59 9.76 -12.06
CA VAL B 252 -13.44 10.49 -12.99
C VAL B 252 -12.66 11.53 -13.78
N THR B 253 -11.34 11.37 -13.90
CA THR B 253 -10.54 12.27 -14.70
C THR B 253 -9.56 11.47 -15.55
N GLN B 254 -9.00 12.16 -16.54
CA GLN B 254 -7.82 11.73 -17.26
C GLN B 254 -6.81 12.87 -17.22
N HIS B 255 -5.56 12.58 -17.54
CA HIS B 255 -4.53 13.62 -17.60
C HIS B 255 -3.52 13.28 -18.68
N TYR B 256 -2.68 14.28 -18.98
CA TYR B 256 -1.79 14.29 -20.14
C TYR B 256 -0.59 15.14 -19.77
N ALA B 257 0.62 14.59 -19.93
CA ALA B 257 1.86 15.28 -19.58
C ALA B 257 2.63 15.62 -20.84
N ASN B 258 2.80 16.93 -21.09
CA ASN B 258 3.46 17.39 -22.30
C ASN B 258 4.89 16.87 -22.37
N ALA B 259 5.29 16.45 -23.58
CA ALA B 259 6.63 15.97 -23.86
C ALA B 259 7.29 16.97 -24.81
N ASP B 260 7.76 18.09 -24.24
CA ASP B 260 8.23 19.22 -25.05
C ASP B 260 9.47 19.87 -24.44
N TYR B 261 10.26 19.12 -23.68
CA TYR B 261 11.36 19.71 -22.94
C TYR B 261 12.71 19.01 -23.11
N LEU B 262 12.78 17.87 -23.78
CA LEU B 262 14.09 17.26 -24.00
C LEU B 262 14.98 18.23 -24.77
N PRO B 263 16.30 18.21 -24.52
CA PRO B 263 17.05 17.27 -23.69
C PRO B 263 17.09 17.59 -22.19
N GLN B 264 16.31 18.57 -21.74
CA GLN B 264 16.30 18.91 -20.33
C GLN B 264 15.69 17.77 -19.50
N ARG B 265 16.07 17.72 -18.23
CA ARG B 265 15.65 16.67 -17.31
C ARG B 265 14.47 17.13 -16.48
N ARG B 266 13.60 16.17 -16.15
CA ARG B 266 12.39 16.43 -15.37
C ARG B 266 12.16 15.28 -14.42
N ILE B 267 11.90 15.57 -13.15
CA ILE B 267 11.72 14.54 -12.12
C ILE B 267 10.45 14.84 -11.34
N MET B 268 9.49 13.90 -11.39
CA MET B 268 8.28 13.95 -10.59
C MET B 268 8.21 12.69 -9.72
N HIS B 269 7.49 12.81 -8.60
CA HIS B 269 7.22 11.69 -7.70
C HIS B 269 5.72 11.50 -7.61
N ARG B 270 5.26 10.25 -7.74
CA ARG B 270 3.83 9.97 -7.66
C ARG B 270 3.51 8.94 -6.58
N ALA B 271 2.44 9.20 -5.85
CA ALA B 271 1.77 8.24 -4.98
C ALA B 271 0.41 7.92 -5.55
N THR B 272 -0.01 6.66 -5.38
CA THR B 272 -1.16 6.11 -6.09
C THR B 272 -2.03 5.33 -5.13
N ILE B 273 -3.28 5.77 -4.94
CA ILE B 273 -4.18 5.26 -3.91
C ILE B 273 -5.24 4.37 -4.56
N LEU B 274 -5.27 3.10 -4.13
CA LEU B 274 -6.25 2.16 -4.68
C LEU B 274 -7.68 2.62 -4.44
N GLY B 275 -8.54 2.38 -5.43
CA GLY B 275 -9.97 2.61 -5.30
C GLY B 275 -10.73 1.30 -5.10
N ASP B 276 -12.06 1.42 -5.22
CA ASP B 276 -12.95 0.26 -5.22
C ASP B 276 -13.13 -0.26 -6.64
N LYS B 277 -13.90 -1.33 -6.79
CA LYS B 277 -14.28 -1.81 -8.10
C LYS B 277 -15.19 -0.79 -8.78
N PRO B 278 -14.87 -0.31 -9.98
CA PRO B 278 -15.77 0.64 -10.66
C PRO B 278 -17.10 -0.03 -11.00
N PHE B 279 -18.17 0.74 -10.83
CA PHE B 279 -19.50 0.20 -11.10
C PHE B 279 -20.35 1.27 -11.76
N TYR B 280 -21.46 0.83 -12.36
CA TYR B 280 -22.47 1.71 -12.91
C TYR B 280 -23.81 1.43 -12.24
N ARG B 281 -24.45 2.49 -11.76
CA ARG B 281 -25.77 2.41 -11.13
C ARG B 281 -26.68 3.38 -11.89
N ALA B 282 -27.67 2.83 -12.60
CA ALA B 282 -28.49 3.64 -13.50
C ALA B 282 -29.15 4.80 -12.74
N GLY B 283 -29.28 5.93 -13.43
CA GLY B 283 -29.86 7.12 -12.86
C GLY B 283 -29.53 8.35 -13.69
C ACT C . -0.72 -8.13 20.74
O ACT C . -1.74 -7.43 20.81
OXT ACT C . -0.23 -8.49 21.83
CH3 ACT C . -0.09 -8.50 19.43
O1 VVO D . -0.97 -9.81 16.04
V1 VVO D . -0.10 -9.44 14.49
C1 SIN E . 3.39 14.14 -15.08
O1 SIN E . 4.55 13.70 -15.29
O2 SIN E . 3.25 15.37 -14.87
C2 SIN E . 2.18 13.22 -15.10
C3 SIN E . 2.45 11.85 -14.48
C4 SIN E . 1.33 10.89 -14.79
O3 SIN E . 0.82 10.83 -15.94
O4 SIN E . 0.89 10.11 -13.92
O1 VVO F . 0.79 8.02 -15.50
V1 VVO F . -0.60 9.34 -15.24
C1 TAU G . 0.56 5.05 -18.07
C2 TAU G . 0.98 5.47 -16.66
N1 TAU G . 1.13 5.98 -19.03
S TAU G . 0.23 4.32 -15.45
O1 TAU G . 0.67 2.91 -15.70
O2 TAU G . 0.74 4.62 -14.07
O3 TAU G . -1.28 4.46 -15.53
OH2 1PE H . -30.02 18.43 -29.13
C12 1PE H . -28.75 17.89 -29.39
C22 1PE H . -28.00 17.67 -28.07
OH3 1PE H . -26.90 18.53 -28.00
C13 1PE H . -26.07 19.01 -25.79
C23 1PE H . -25.92 18.17 -27.06
OH4 1PE H . -25.84 18.21 -24.67
C14 1PE H . -27.87 18.13 -23.41
C24 1PE H . -26.44 18.65 -23.49
OH5 1PE H . -28.18 17.79 -22.08
C15 1PE H . -29.60 17.96 -20.15
C25 1PE H . -29.09 18.64 -21.43
OH6 1PE H . -28.62 18.02 -19.15
C16 1PE H . -27.65 17.17 -17.13
C26 1PE H . -28.91 17.28 -18.00
OH7 1PE H . -27.59 15.91 -16.52
C1 PEG I . -30.33 9.44 -19.36
O1 PEG I . -29.97 10.78 -19.55
C2 PEG I . -29.08 8.60 -19.08
O2 PEG I . -29.45 7.43 -18.40
C3 PEG I . -29.39 6.28 -19.19
C4 PEG I . -30.11 5.12 -18.51
O4 PEG I . -30.19 4.04 -19.40
O1 PG4 J . 13.83 -2.25 -10.27
C1 PG4 J . 13.14 -1.58 -11.28
C2 PG4 J . 11.80 -1.10 -10.74
O2 PG4 J . 10.76 -1.83 -11.34
C3 PG4 J . 9.57 -1.87 -10.61
C4 PG4 J . 9.73 -2.84 -9.44
O3 PG4 J . 8.48 -3.26 -8.97
C5 PG4 J . 8.54 -4.09 -7.85
C6 PG4 J . 8.85 -3.27 -6.59
O4 PG4 J . 9.01 -4.13 -5.50
C7 PG4 J . 9.96 -3.69 -4.57
C8 PG4 J . 11.37 -4.03 -5.05
O5 PG4 J . 12.29 -3.16 -4.43
#